data_7Q1G
#
_entry.id   7Q1G
#
_cell.length_a   46.800
_cell.length_b   95.230
_cell.length_c   152.750
_cell.angle_alpha   90.000
_cell.angle_beta   90.000
_cell.angle_gamma   90.000
#
_symmetry.space_group_name_H-M   'P 2 21 21'
#
loop_
_entity.id
_entity.type
_entity.pdbx_description
1 polymer 'Peptidase_M75 domain-containing protein'
2 non-polymer 'SULFATE ION'
3 water water
#
_entity_poly.entity_id   1
_entity_poly.type   'polypeptide(L)'
_entity_poly.pdbx_seq_one_letter_code
;MTYPLLTRKTLMKKTPLALLLTLGLLQTPLAAFAATAPLDLVGPVSDYKIYVTENIEELVSHTQKFTDAVKKGDIATAKK
LYAPTRVYYESVEPIAELFSDLDASIDSRVDDHEQGVAAEDFTGFHRLEYALFSQNTTKDQGPIADKLLSDVKDLEKRVA
DLTFPPEKVVGGAAALLEEVAATKISGEEDRYSHTDLYDFQGNIDGAKKIVDLFRPQIEQQDKAFSSKVDKNFATVDKIL
AKYKTKDGGFETYDKVKENDRKALVGPVNTLAEDLSTLRGKLGLN
;
_entity_poly.pdbx_strand_id   A,B
#
loop_
_chem_comp.id
_chem_comp.type
_chem_comp.name
_chem_comp.formula
SO4 non-polymer 'SULFATE ION' 'O4 S -2'
#
# COMPACT_ATOMS: atom_id res chain seq x y z
N ALA A 35 18.75 19.16 11.08
CA ALA A 35 18.30 17.83 10.65
C ALA A 35 16.85 17.87 10.16
N THR A 36 16.46 16.85 9.40
CA THR A 36 15.14 16.78 8.81
C THR A 36 14.23 15.89 9.67
N ALA A 37 13.09 16.43 10.07
CA ALA A 37 12.12 15.63 10.81
C ALA A 37 11.61 14.50 9.92
N PRO A 38 11.59 13.26 10.41
CA PRO A 38 11.07 12.16 9.58
C PRO A 38 9.68 12.43 9.00
N LEU A 39 8.80 13.10 9.75
CA LEU A 39 7.46 13.34 9.23
C LEU A 39 7.47 14.26 8.02
N ASP A 40 8.50 15.10 7.87
CA ASP A 40 8.62 15.92 6.66
C ASP A 40 8.90 15.08 5.41
N LEU A 41 9.26 13.82 5.59
CA LEU A 41 9.54 12.90 4.49
C LEU A 41 8.42 11.89 4.30
N VAL A 42 7.22 12.17 4.86
CA VAL A 42 6.14 11.20 4.82
C VAL A 42 5.73 10.87 3.39
N GLY A 43 5.88 11.80 2.46
CA GLY A 43 5.51 11.55 1.09
C GLY A 43 6.27 10.39 0.51
N PRO A 44 7.60 10.54 0.41
CA PRO A 44 8.38 9.44 -0.17
C PRO A 44 8.44 8.21 0.72
N VAL A 45 8.41 8.36 2.05
CA VAL A 45 8.43 7.18 2.92
C VAL A 45 7.16 6.36 2.75
N SER A 46 6.00 7.01 2.67
CA SER A 46 4.74 6.29 2.47
CA SER A 46 4.77 6.24 2.51
C SER A 46 4.73 5.59 1.13
N ASP A 47 5.20 6.30 0.09
CA ASP A 47 5.23 5.67 -1.22
C ASP A 47 6.19 4.49 -1.24
N TYR A 48 7.31 4.59 -0.49
CA TYR A 48 8.22 3.45 -0.42
C TYR A 48 7.60 2.27 0.33
N LYS A 49 6.87 2.55 1.41
CA LYS A 49 6.23 1.41 2.08
C LYS A 49 5.18 0.76 1.18
N ILE A 50 4.47 1.55 0.37
CA ILE A 50 3.55 0.94 -0.61
C ILE A 50 4.31 0.07 -1.59
N TYR A 51 5.45 0.56 -2.07
CA TYR A 51 6.27 -0.23 -3.00
C TYR A 51 6.75 -1.51 -2.34
N VAL A 52 7.29 -1.41 -1.13
CA VAL A 52 7.78 -2.59 -0.43
C VAL A 52 6.63 -3.55 -0.16
N THR A 53 5.46 -3.02 0.23
CA THR A 53 4.34 -3.88 0.57
C THR A 53 3.85 -4.64 -0.66
N GLU A 54 3.78 -3.97 -1.81
CA GLU A 54 3.40 -4.66 -3.05
C GLU A 54 4.40 -5.74 -3.41
N ASN A 55 5.70 -5.45 -3.26
CA ASN A 55 6.70 -6.47 -3.56
C ASN A 55 6.60 -7.65 -2.60
N ILE A 56 6.29 -7.37 -1.33
CA ILE A 56 6.15 -8.44 -0.34
C ILE A 56 4.92 -9.30 -0.63
N GLU A 57 3.79 -8.66 -1.00
CA GLU A 57 2.63 -9.44 -1.41
C GLU A 57 3.00 -10.40 -2.53
N GLU A 58 3.74 -9.92 -3.53
CA GLU A 58 4.17 -10.77 -4.63
C GLU A 58 5.15 -11.83 -4.15
N LEU A 59 6.06 -11.46 -3.24
CA LEU A 59 6.97 -12.45 -2.68
C LEU A 59 6.21 -13.59 -2.02
N VAL A 60 5.17 -13.27 -1.24
CA VAL A 60 4.43 -14.30 -0.54
C VAL A 60 3.71 -15.21 -1.52
N SER A 61 3.04 -14.61 -2.51
CA SER A 61 2.30 -15.43 -3.47
CA SER A 61 2.30 -15.40 -3.49
C SER A 61 3.24 -16.30 -4.30
N HIS A 62 4.40 -15.75 -4.70
CA HIS A 62 5.35 -16.54 -5.48
C HIS A 62 6.03 -17.59 -4.60
N THR A 63 6.34 -17.24 -3.35
CA THR A 63 6.97 -18.23 -2.47
C THR A 63 6.00 -19.36 -2.17
N GLN A 64 4.71 -19.05 -2.02
CA GLN A 64 3.72 -20.11 -1.88
C GLN A 64 3.81 -21.11 -3.03
N LYS A 65 3.83 -20.60 -4.27
CA LYS A 65 3.89 -21.49 -5.43
C LYS A 65 5.23 -22.22 -5.52
N PHE A 66 6.32 -21.53 -5.23
CA PHE A 66 7.66 -22.12 -5.26
C PHE A 66 7.79 -23.26 -4.24
N THR A 67 7.40 -22.99 -3.00
CA THR A 67 7.51 -24.02 -1.97
C THR A 67 6.49 -25.13 -2.19
N ASP A 68 5.31 -24.83 -2.75
CA ASP A 68 4.38 -25.91 -3.08
C ASP A 68 4.98 -26.85 -4.12
N ALA A 69 5.68 -26.30 -5.12
CA ALA A 69 6.31 -27.16 -6.12
C ALA A 69 7.37 -28.05 -5.48
N VAL A 70 8.17 -27.50 -4.56
CA VAL A 70 9.17 -28.32 -3.88
C VAL A 70 8.50 -29.44 -3.09
N LYS A 71 7.45 -29.08 -2.33
CA LYS A 71 6.76 -30.09 -1.53
C LYS A 71 6.12 -31.15 -2.39
N LYS A 72 5.71 -30.80 -3.60
CA LYS A 72 5.07 -31.74 -4.50
C LYS A 72 6.06 -32.49 -5.37
N GLY A 73 7.36 -32.28 -5.16
CA GLY A 73 8.37 -32.94 -5.95
C GLY A 73 8.44 -32.52 -7.40
N ASP A 74 7.98 -31.31 -7.72
CA ASP A 74 7.96 -30.82 -9.11
C ASP A 74 9.20 -29.94 -9.32
N ILE A 75 10.31 -30.59 -9.65
CA ILE A 75 11.59 -29.89 -9.77
C ILE A 75 11.53 -28.84 -10.87
N ALA A 76 10.96 -29.19 -12.04
CA ALA A 76 10.95 -28.25 -13.16
C ALA A 76 10.19 -26.96 -12.83
N THR A 77 9.04 -27.08 -12.18
CA THR A 77 8.27 -25.90 -11.79
C THR A 77 9.00 -25.11 -10.72
N ALA A 78 9.61 -25.81 -9.75
CA ALA A 78 10.33 -25.10 -8.70
C ALA A 78 11.50 -24.32 -9.29
N LYS A 79 12.23 -24.91 -10.22
CA LYS A 79 13.36 -24.20 -10.83
C LYS A 79 12.90 -22.97 -11.60
N LYS A 80 11.77 -23.09 -12.32
CA LYS A 80 11.25 -21.96 -13.07
C LYS A 80 10.80 -20.83 -12.14
N LEU A 81 10.32 -21.15 -10.95
CA LEU A 81 9.84 -20.14 -10.03
C LEU A 81 10.95 -19.50 -9.20
N TYR A 82 12.12 -20.15 -9.11
CA TYR A 82 13.16 -19.73 -8.16
C TYR A 82 13.54 -18.27 -8.34
N ALA A 83 14.05 -17.91 -9.52
CA ALA A 83 14.58 -16.57 -9.68
C ALA A 83 13.49 -15.50 -9.70
N PRO A 84 12.37 -15.70 -10.41
CA PRO A 84 11.32 -14.66 -10.35
C PRO A 84 10.82 -14.40 -8.94
N THR A 85 10.73 -15.44 -8.10
CA THR A 85 10.33 -15.24 -6.72
C THR A 85 11.33 -14.37 -5.98
N ARG A 86 12.62 -14.65 -6.16
CA ARG A 86 13.66 -13.92 -5.44
C ARG A 86 13.73 -12.44 -5.83
N VAL A 87 13.32 -12.07 -7.06
CA VAL A 87 13.37 -10.67 -7.45
C VAL A 87 12.65 -9.79 -6.44
N TYR A 88 11.51 -10.25 -5.93
CA TYR A 88 10.74 -9.45 -5.02
C TYR A 88 11.46 -9.24 -3.70
N TYR A 89 12.22 -10.24 -3.25
CA TYR A 89 13.02 -10.08 -2.02
C TYR A 89 14.19 -9.14 -2.27
N GLU A 90 14.89 -9.33 -3.39
CA GLU A 90 16.07 -8.53 -3.68
C GLU A 90 15.72 -7.06 -3.89
N SER A 91 14.49 -6.77 -4.32
CA SER A 91 14.09 -5.38 -4.53
C SER A 91 13.81 -4.64 -3.23
N VAL A 92 13.60 -5.35 -2.12
CA VAL A 92 13.25 -4.70 -0.86
C VAL A 92 14.29 -4.97 0.21
N GLU A 93 15.52 -5.33 -0.16
CA GLU A 93 16.57 -5.63 0.81
CA GLU A 93 16.51 -5.66 0.84
C GLU A 93 16.79 -4.54 1.85
N PRO A 94 16.66 -3.24 1.53
CA PRO A 94 16.86 -2.23 2.60
C PRO A 94 15.97 -2.46 3.82
N ILE A 95 14.79 -3.02 3.63
CA ILE A 95 13.88 -3.32 4.74
C ILE A 95 14.09 -4.73 5.26
N ALA A 96 14.18 -5.72 4.36
CA ALA A 96 14.35 -7.10 4.81
C ALA A 96 15.59 -7.26 5.69
N GLU A 97 16.68 -6.58 5.36
CA GLU A 97 17.91 -6.75 6.12
C GLU A 97 17.86 -6.06 7.49
N LEU A 98 16.81 -5.30 7.79
CA LEU A 98 16.63 -4.81 9.15
C LEU A 98 16.36 -5.95 10.13
N PHE A 99 15.95 -7.11 9.64
CA PHE A 99 15.62 -8.26 10.47
C PHE A 99 16.75 -9.27 10.24
N SER A 100 17.82 -9.13 11.02
CA SER A 100 19.08 -9.80 10.69
CA SER A 100 19.08 -9.80 10.69
C SER A 100 18.94 -11.32 10.71
N ASP A 101 18.36 -11.88 11.77
CA ASP A 101 18.24 -13.33 11.85
C ASP A 101 17.25 -13.87 10.83
N LEU A 102 16.15 -13.16 10.61
CA LEU A 102 15.18 -13.61 9.62
C LEU A 102 15.78 -13.58 8.21
N ASP A 103 16.52 -12.51 7.88
CA ASP A 103 17.16 -12.43 6.58
C ASP A 103 18.16 -13.57 6.39
N ALA A 104 18.88 -13.94 7.45
CA ALA A 104 19.81 -15.05 7.33
C ALA A 104 19.05 -16.35 7.10
N SER A 105 17.92 -16.53 7.80
CA SER A 105 17.12 -17.74 7.63
C SER A 105 16.61 -17.86 6.20
N ILE A 106 16.27 -16.74 5.57
CA ILE A 106 15.65 -16.74 4.25
C ILE A 106 16.70 -16.82 3.14
N ASP A 107 17.86 -16.19 3.33
CA ASP A 107 18.70 -15.84 2.19
C ASP A 107 20.21 -16.02 2.40
N SER A 108 20.67 -16.69 3.46
CA SER A 108 22.11 -16.83 3.60
C SER A 108 22.71 -17.68 2.48
N ARG A 109 23.98 -17.43 2.18
CA ARG A 109 24.72 -18.17 1.17
C ARG A 109 25.62 -19.21 1.82
N VAL A 110 26.16 -20.12 1.00
CA VAL A 110 27.15 -21.06 1.51
C VAL A 110 28.30 -20.30 2.15
N ASP A 111 28.65 -19.13 1.58
CA ASP A 111 29.76 -18.31 2.09
C ASP A 111 29.55 -17.89 3.54
N ASP A 112 28.30 -17.82 3.99
CA ASP A 112 28.00 -17.34 5.32
C ASP A 112 28.18 -18.40 6.40
N HIS A 113 28.50 -19.65 6.04
CA HIS A 113 28.52 -20.73 7.01
C HIS A 113 29.89 -21.37 7.09
N GLU A 114 30.42 -21.47 8.31
CA GLU A 114 31.69 -22.14 8.53
C GLU A 114 31.65 -23.57 8.00
N GLN A 115 30.52 -24.25 8.18
CA GLN A 115 30.31 -25.63 7.75
C GLN A 115 29.87 -25.75 6.30
N GLY A 116 29.75 -24.63 5.57
CA GLY A 116 29.45 -24.74 4.15
C GLY A 116 28.07 -25.30 3.90
N VAL A 117 27.97 -26.10 2.84
CA VAL A 117 26.69 -26.66 2.39
C VAL A 117 26.09 -27.59 3.44
N ALA A 118 26.92 -28.12 4.34
CA ALA A 118 26.49 -29.08 5.35
C ALA A 118 25.97 -28.42 6.63
N ALA A 119 25.97 -27.09 6.71
CA ALA A 119 25.52 -26.43 7.93
C ALA A 119 24.03 -26.65 8.14
N GLU A 120 23.66 -27.09 9.35
CA GLU A 120 22.24 -27.20 9.67
C GLU A 120 21.50 -25.86 9.57
N ASP A 121 22.19 -24.76 9.80
CA ASP A 121 21.56 -23.44 9.74
C ASP A 121 21.52 -22.84 8.34
N PHE A 122 22.02 -23.56 7.33
CA PHE A 122 21.93 -23.16 5.94
C PHE A 122 20.54 -23.54 5.44
N THR A 123 19.62 -22.57 5.39
CA THR A 123 18.22 -22.83 5.05
C THR A 123 17.77 -21.84 3.98
N GLY A 124 16.48 -21.79 3.68
CA GLY A 124 15.98 -20.75 2.80
C GLY A 124 16.31 -20.97 1.32
N PHE A 125 16.36 -19.84 0.58
CA PHE A 125 16.45 -19.91 -0.87
C PHE A 125 17.69 -20.66 -1.35
N HIS A 126 18.86 -20.35 -0.79
CA HIS A 126 20.06 -20.92 -1.38
C HIS A 126 20.24 -22.37 -0.98
N ARG A 127 19.64 -22.80 0.14
CA ARG A 127 19.64 -24.22 0.48
C ARG A 127 18.80 -24.99 -0.54
N LEU A 128 17.64 -24.43 -0.91
CA LEU A 128 16.82 -25.05 -1.94
C LEU A 128 17.47 -24.94 -3.31
N GLU A 129 18.18 -23.83 -3.56
CA GLU A 129 18.91 -23.67 -4.81
C GLU A 129 19.89 -24.82 -5.02
N TYR A 130 20.60 -25.20 -3.97
CA TYR A 130 21.53 -26.32 -4.08
C TYR A 130 20.80 -27.61 -4.42
N ALA A 131 19.72 -27.91 -3.70
CA ALA A 131 18.98 -29.14 -3.97
C ALA A 131 18.45 -29.16 -5.40
N LEU A 132 17.84 -28.06 -5.83
CA LEU A 132 17.16 -28.04 -7.12
C LEU A 132 18.14 -27.99 -8.28
N PHE A 133 19.13 -27.08 -8.22
CA PHE A 133 19.96 -26.84 -9.39
C PHE A 133 21.25 -27.67 -9.40
N SER A 134 21.86 -27.89 -8.23
CA SER A 134 23.07 -28.70 -8.24
C SER A 134 22.73 -30.18 -8.16
N GLN A 135 21.81 -30.55 -7.28
CA GLN A 135 21.53 -31.95 -6.99
C GLN A 135 20.30 -32.52 -7.71
N ASN A 136 19.48 -31.68 -8.35
CA ASN A 136 18.30 -32.14 -9.09
C ASN A 136 17.37 -33.00 -8.23
N THR A 137 17.01 -32.48 -7.05
CA THR A 137 16.21 -33.26 -6.11
C THR A 137 15.32 -32.35 -5.28
N THR A 138 14.20 -32.92 -4.82
CA THR A 138 13.40 -32.32 -3.75
C THR A 138 13.38 -33.20 -2.50
N LYS A 139 14.18 -34.28 -2.47
CA LYS A 139 14.14 -35.22 -1.36
C LYS A 139 14.50 -34.53 -0.05
N ASP A 140 13.62 -34.66 0.93
CA ASP A 140 13.77 -34.08 2.27
C ASP A 140 13.78 -32.56 2.23
N GLN A 141 13.34 -31.95 1.13
CA GLN A 141 13.33 -30.48 1.06
C GLN A 141 12.03 -29.89 1.57
N GLY A 142 11.00 -30.71 1.76
CA GLY A 142 9.71 -30.26 2.25
C GLY A 142 9.79 -29.34 3.46
N PRO A 143 10.49 -29.77 4.52
CA PRO A 143 10.54 -28.91 5.71
C PRO A 143 11.32 -27.64 5.50
N ILE A 144 12.32 -27.66 4.62
CA ILE A 144 13.04 -26.43 4.28
C ILE A 144 12.14 -25.47 3.52
N ALA A 145 11.34 -26.00 2.60
CA ALA A 145 10.37 -25.18 1.88
C ALA A 145 9.30 -24.62 2.83
N ASP A 146 8.82 -25.44 3.77
CA ASP A 146 7.83 -24.96 4.72
CA ASP A 146 7.84 -24.97 4.74
C ASP A 146 8.40 -23.85 5.59
N LYS A 147 9.65 -24.00 6.04
CA LYS A 147 10.27 -22.96 6.86
C LYS A 147 10.43 -21.67 6.07
N LEU A 148 10.79 -21.77 4.79
CA LEU A 148 10.93 -20.57 3.96
C LEU A 148 9.61 -19.83 3.81
N LEU A 149 8.52 -20.57 3.57
CA LEU A 149 7.20 -19.93 3.48
C LEU A 149 6.81 -19.30 4.81
N SER A 150 7.04 -20.01 5.91
CA SER A 150 6.76 -19.43 7.23
CA SER A 150 6.76 -19.43 7.23
C SER A 150 7.57 -18.17 7.45
N ASP A 151 8.85 -18.18 7.07
CA ASP A 151 9.71 -17.02 7.26
C ASP A 151 9.27 -15.83 6.41
N VAL A 152 8.83 -16.06 5.18
CA VAL A 152 8.40 -14.92 4.38
CA VAL A 152 8.39 -14.92 4.37
C VAL A 152 7.07 -14.37 4.89
N LYS A 153 6.19 -15.24 5.40
CA LYS A 153 4.95 -14.74 6.01
C LYS A 153 5.25 -13.95 7.29
N ASP A 154 6.27 -14.38 8.04
CA ASP A 154 6.77 -13.61 9.18
C ASP A 154 7.26 -12.24 8.73
N LEU A 155 8.10 -12.21 7.70
CA LEU A 155 8.59 -10.94 7.16
C LEU A 155 7.45 -10.01 6.76
N GLU A 156 6.42 -10.55 6.11
CA GLU A 156 5.29 -9.72 5.69
C GLU A 156 4.65 -9.03 6.88
N LYS A 157 4.44 -9.76 7.97
CA LYS A 157 3.86 -9.17 9.16
C LYS A 157 4.78 -8.13 9.78
N ARG A 158 6.09 -8.41 9.83
CA ARG A 158 6.99 -7.45 10.43
C ARG A 158 7.04 -6.15 9.62
N VAL A 159 6.99 -6.26 8.30
CA VAL A 159 6.96 -5.06 7.46
C VAL A 159 5.68 -4.27 7.67
N ALA A 160 4.54 -4.97 7.80
CA ALA A 160 3.29 -4.27 8.06
C ALA A 160 3.36 -3.48 9.36
N ASP A 161 3.99 -4.05 10.38
CA ASP A 161 4.10 -3.41 11.69
C ASP A 161 5.17 -2.33 11.76
N LEU A 162 6.00 -2.20 10.72
CA LEU A 162 7.20 -1.38 10.81
C LEU A 162 6.93 0.09 10.50
N THR A 163 7.39 0.97 11.38
CA THR A 163 7.53 2.38 11.02
C THR A 163 8.84 2.52 10.27
N PHE A 164 8.74 2.84 8.98
CA PHE A 164 9.92 2.87 8.12
C PHE A 164 10.80 4.05 8.49
N PRO A 165 12.04 3.84 8.94
CA PRO A 165 12.93 4.99 9.20
C PRO A 165 13.46 5.55 7.90
N PRO A 166 13.23 6.83 7.61
CA PRO A 166 13.73 7.39 6.35
C PRO A 166 15.24 7.24 6.19
N GLU A 167 15.99 7.27 7.30
CA GLU A 167 17.43 7.11 7.19
C GLU A 167 17.82 5.72 6.70
N LYS A 168 17.04 4.69 7.07
CA LYS A 168 17.31 3.35 6.56
C LYS A 168 16.82 3.20 5.13
N VAL A 169 15.71 3.86 4.78
CA VAL A 169 15.23 3.86 3.40
C VAL A 169 16.26 4.53 2.51
N VAL A 170 16.62 5.76 2.84
CA VAL A 170 17.56 6.54 2.03
C VAL A 170 18.92 5.84 1.97
N GLY A 171 19.40 5.39 3.13
CA GLY A 171 20.63 4.62 3.18
C GLY A 171 20.53 3.31 2.42
N GLY A 172 19.31 2.86 2.11
CA GLY A 172 19.14 1.57 1.48
C GLY A 172 19.60 1.52 0.04
N ALA A 173 19.50 2.63 -0.69
CA ALA A 173 19.95 2.63 -2.07
C ALA A 173 21.44 2.37 -2.13
N ALA A 174 22.21 3.06 -1.27
CA ALA A 174 23.65 2.82 -1.22
C ALA A 174 23.96 1.39 -0.78
N ALA A 175 23.23 0.89 0.21
CA ALA A 175 23.39 -0.50 0.64
C ALA A 175 23.14 -1.47 -0.51
N LEU A 176 22.12 -1.22 -1.33
CA LEU A 176 21.86 -2.12 -2.44
C LEU A 176 23.01 -2.10 -3.44
N LEU A 177 23.53 -0.91 -3.75
CA LEU A 177 24.62 -0.86 -4.72
C LEU A 177 25.89 -1.47 -4.17
N GLU A 178 26.14 -1.34 -2.87
CA GLU A 178 27.30 -2.01 -2.27
C GLU A 178 27.16 -3.53 -2.37
N GLU A 179 25.94 -4.04 -2.23
CA GLU A 179 25.71 -5.48 -2.38
C GLU A 179 25.96 -5.92 -3.82
N VAL A 180 25.51 -5.11 -4.79
CA VAL A 180 25.78 -5.42 -6.19
C VAL A 180 27.28 -5.50 -6.43
N ALA A 181 28.03 -4.52 -5.92
CA ALA A 181 29.47 -4.50 -6.14
C ALA A 181 30.15 -5.70 -5.51
N ALA A 182 29.66 -6.12 -4.35
CA ALA A 182 30.31 -7.17 -3.59
C ALA A 182 30.07 -8.55 -4.18
N THR A 183 28.83 -8.87 -4.55
CA THR A 183 28.50 -10.26 -4.91
C THR A 183 27.77 -10.45 -6.23
N LYS A 184 27.12 -9.43 -6.78
CA LYS A 184 26.35 -9.70 -7.99
C LYS A 184 27.14 -9.53 -9.26
N ILE A 185 28.00 -8.49 -9.37
CA ILE A 185 28.80 -8.32 -10.58
C ILE A 185 29.65 -9.56 -10.84
N SER A 186 30.13 -10.20 -9.78
CA SER A 186 31.00 -11.36 -9.89
C SER A 186 30.23 -12.68 -9.98
N GLY A 187 28.90 -12.63 -9.95
CA GLY A 187 28.13 -13.86 -10.06
C GLY A 187 28.32 -14.79 -8.88
N GLU A 188 28.38 -14.24 -7.66
CA GLU A 188 28.61 -15.04 -6.47
C GLU A 188 27.37 -15.12 -5.58
N GLU A 189 26.22 -14.64 -6.06
CA GLU A 189 25.01 -14.77 -5.27
C GLU A 189 24.35 -16.13 -5.45
N ASP A 190 24.27 -16.62 -6.68
CA ASP A 190 23.55 -17.86 -6.99
C ASP A 190 24.55 -18.85 -7.58
N ARG A 191 25.33 -19.49 -6.71
CA ARG A 191 26.45 -20.28 -7.22
C ARG A 191 26.02 -21.60 -7.84
N TYR A 192 24.74 -21.96 -7.74
CA TYR A 192 24.23 -23.20 -8.35
C TYR A 192 23.29 -22.97 -9.51
N SER A 193 22.36 -22.01 -9.40
CA SER A 193 21.47 -21.70 -10.52
C SER A 193 22.07 -20.70 -11.50
N HIS A 194 23.01 -19.87 -11.04
CA HIS A 194 23.61 -18.80 -11.84
C HIS A 194 22.56 -17.82 -12.37
N THR A 195 21.51 -17.59 -11.58
CA THR A 195 20.47 -16.61 -11.92
C THR A 195 20.78 -15.22 -11.37
N ASP A 196 22.07 -14.90 -11.22
CA ASP A 196 22.49 -13.68 -10.54
C ASP A 196 21.92 -12.43 -11.18
N LEU A 197 21.71 -12.45 -12.49
CA LEU A 197 21.27 -11.21 -13.14
C LEU A 197 19.86 -10.81 -12.69
N TYR A 198 19.00 -11.78 -12.37
CA TYR A 198 17.68 -11.45 -11.82
C TYR A 198 17.84 -10.67 -10.52
N ASP A 199 18.73 -11.13 -9.64
CA ASP A 199 18.94 -10.47 -8.36
C ASP A 199 19.62 -9.12 -8.54
N PHE A 200 20.64 -9.07 -9.40
CA PHE A 200 21.29 -7.81 -9.79
C PHE A 200 20.25 -6.78 -10.25
N GLN A 201 19.41 -7.15 -11.22
CA GLN A 201 18.42 -6.22 -11.73
C GLN A 201 17.44 -5.81 -10.64
N GLY A 202 17.07 -6.75 -9.76
CA GLY A 202 16.19 -6.41 -8.65
C GLY A 202 16.80 -5.41 -7.69
N ASN A 203 18.08 -5.59 -7.34
CA ASN A 203 18.76 -4.62 -6.49
C ASN A 203 18.77 -3.25 -7.13
N ILE A 204 19.13 -3.21 -8.42
CA ILE A 204 19.22 -1.93 -9.11
C ILE A 204 17.85 -1.27 -9.17
N ASP A 205 16.81 -2.04 -9.50
CA ASP A 205 15.47 -1.47 -9.55
C ASP A 205 15.02 -0.96 -8.18
N GLY A 206 15.36 -1.69 -7.12
CA GLY A 206 14.99 -1.26 -5.78
C GLY A 206 15.71 0.00 -5.36
N ALA A 207 16.95 0.17 -5.82
CA ALA A 207 17.71 1.39 -5.52
C ALA A 207 17.20 2.56 -6.33
N LYS A 208 16.96 2.33 -7.63
CA LYS A 208 16.43 3.40 -8.47
C LYS A 208 15.09 3.89 -7.93
N LYS A 209 14.27 2.98 -7.40
CA LYS A 209 12.98 3.40 -6.85
C LYS A 209 13.17 4.37 -5.70
N ILE A 210 14.14 4.09 -4.82
CA ILE A 210 14.37 4.97 -3.69
C ILE A 210 14.82 6.35 -4.17
N VAL A 211 15.77 6.36 -5.12
CA VAL A 211 16.29 7.62 -5.65
C VAL A 211 15.17 8.43 -6.30
N ASP A 212 14.32 7.74 -7.08
CA ASP A 212 13.20 8.41 -7.75
C ASP A 212 12.24 9.02 -6.75
N LEU A 213 11.90 8.29 -5.68
CA LEU A 213 10.91 8.79 -4.72
C LEU A 213 11.42 10.02 -3.98
N PHE A 214 12.72 10.12 -3.74
CA PHE A 214 13.29 11.25 -3.02
C PHE A 214 13.80 12.34 -3.95
N ARG A 215 13.46 12.27 -5.24
CA ARG A 215 13.92 13.28 -6.20
C ARG A 215 13.66 14.70 -5.75
N PRO A 216 12.48 15.07 -5.25
CA PRO A 216 12.27 16.47 -4.86
C PRO A 216 13.16 16.91 -3.71
N GLN A 217 13.38 16.03 -2.75
CA GLN A 217 14.22 16.38 -1.60
C GLN A 217 15.68 16.47 -2.01
N ILE A 218 16.12 15.60 -2.91
CA ILE A 218 17.48 15.72 -3.46
C ILE A 218 17.60 17.03 -4.22
N GLU A 219 16.60 17.37 -5.02
CA GLU A 219 16.67 18.58 -5.83
C GLU A 219 16.80 19.83 -4.99
N GLN A 220 16.20 19.84 -3.79
CA GLN A 220 16.26 21.02 -2.94
C GLN A 220 17.69 21.31 -2.48
N GLN A 221 18.54 20.29 -2.40
CA GLN A 221 19.91 20.47 -1.95
C GLN A 221 20.97 20.32 -3.04
N ASP A 222 20.63 19.70 -4.17
CA ASP A 222 21.64 19.34 -5.17
C ASP A 222 20.92 19.18 -6.50
N LYS A 223 20.98 20.22 -7.34
CA LYS A 223 20.28 20.23 -8.62
C LYS A 223 20.85 19.26 -9.64
N ALA A 224 22.08 18.80 -9.46
CA ALA A 224 22.73 17.97 -10.46
C ALA A 224 22.74 16.49 -10.09
N PHE A 225 22.40 16.14 -8.85
CA PHE A 225 22.63 14.78 -8.35
C PHE A 225 21.81 13.74 -9.10
N SER A 226 20.52 14.01 -9.27
CA SER A 226 19.65 12.98 -9.84
C SER A 226 20.07 12.64 -11.26
N SER A 227 20.42 13.65 -12.06
CA SER A 227 20.88 13.38 -13.41
CA SER A 227 20.89 13.40 -13.42
C SER A 227 22.21 12.63 -13.41
N LYS A 228 23.08 12.93 -12.45
CA LYS A 228 24.36 12.22 -12.36
C LYS A 228 24.15 10.74 -12.11
N VAL A 229 23.29 10.41 -11.15
CA VAL A 229 23.07 8.99 -10.86
C VAL A 229 22.20 8.36 -11.94
N ASP A 230 21.24 9.11 -12.51
CA ASP A 230 20.41 8.53 -13.58
C ASP A 230 21.28 8.06 -14.74
N LYS A 231 22.34 8.80 -15.08
CA LYS A 231 23.22 8.38 -16.18
C LYS A 231 23.90 7.05 -15.86
N ASN A 232 24.38 6.88 -14.63
CA ASN A 232 25.06 5.63 -14.29
C ASN A 232 24.08 4.47 -14.16
N PHE A 233 22.88 4.72 -13.62
CA PHE A 233 21.84 3.70 -13.64
C PHE A 233 21.51 3.29 -15.08
N ALA A 234 21.44 4.26 -15.99
CA ALA A 234 21.13 3.93 -17.37
C ALA A 234 22.24 3.07 -17.99
N THR A 235 23.51 3.36 -17.67
CA THR A 235 24.62 2.57 -18.17
C THR A 235 24.55 1.13 -17.67
N VAL A 236 24.26 0.96 -16.37
CA VAL A 236 24.11 -0.38 -15.80
C VAL A 236 22.92 -1.10 -16.44
N ASP A 237 21.77 -0.41 -16.52
CA ASP A 237 20.57 -1.02 -17.08
C ASP A 237 20.80 -1.47 -18.51
N LYS A 238 21.57 -0.70 -19.29
CA LYS A 238 21.81 -1.08 -20.68
C LYS A 238 22.66 -2.35 -20.77
N ILE A 239 23.65 -2.52 -19.89
CA ILE A 239 24.45 -3.74 -19.93
C ILE A 239 23.59 -4.94 -19.52
N LEU A 240 22.81 -4.78 -18.46
CA LEU A 240 21.95 -5.88 -18.01
C LEU A 240 20.96 -6.28 -19.10
N ALA A 241 20.43 -5.29 -19.83
CA ALA A 241 19.43 -5.57 -20.84
C ALA A 241 19.99 -6.39 -22.00
N LYS A 242 21.31 -6.41 -22.17
CA LYS A 242 21.93 -7.25 -23.19
C LYS A 242 21.69 -8.73 -22.94
N TYR A 243 21.22 -9.08 -21.74
CA TYR A 243 21.06 -10.48 -21.34
C TYR A 243 19.63 -10.81 -20.97
N LYS A 244 18.68 -9.92 -21.23
CA LYS A 244 17.28 -10.23 -21.02
C LYS A 244 16.81 -11.21 -22.10
N THR A 245 15.77 -11.96 -21.77
CA THR A 245 15.17 -12.89 -22.71
C THR A 245 13.75 -12.46 -23.04
N LYS A 246 13.26 -12.92 -24.19
CA LYS A 246 11.92 -12.51 -24.63
C LYS A 246 10.83 -13.05 -23.71
N ASP A 247 11.07 -14.20 -23.07
CA ASP A 247 10.11 -14.76 -22.13
C ASP A 247 10.03 -13.98 -20.82
N GLY A 248 10.79 -12.90 -20.66
CA GLY A 248 10.73 -12.10 -19.47
C GLY A 248 11.77 -12.41 -18.42
N GLY A 249 12.83 -13.13 -18.77
CA GLY A 249 13.85 -13.45 -17.80
C GLY A 249 15.23 -12.96 -18.19
N PHE A 250 16.26 -13.67 -17.72
CA PHE A 250 17.66 -13.36 -17.99
C PHE A 250 18.39 -14.64 -18.36
N GLU A 251 19.43 -14.50 -19.17
CA GLU A 251 20.39 -15.56 -19.39
C GLU A 251 21.11 -15.88 -18.08
N THR A 252 21.70 -17.06 -18.01
CA THR A 252 22.48 -17.39 -16.82
C THR A 252 23.81 -16.62 -16.84
N TYR A 253 24.42 -16.53 -15.66
CA TYR A 253 25.54 -15.59 -15.46
C TYR A 253 26.75 -15.94 -16.33
N ASP A 254 26.93 -17.22 -16.66
CA ASP A 254 28.07 -17.62 -17.48
C ASP A 254 28.01 -17.02 -18.89
N LYS A 255 26.85 -16.51 -19.31
CA LYS A 255 26.76 -15.84 -20.60
C LYS A 255 27.32 -14.42 -20.58
N VAL A 256 27.51 -13.82 -19.40
CA VAL A 256 27.94 -12.42 -19.34
C VAL A 256 29.39 -12.32 -19.79
N LYS A 257 29.63 -11.53 -20.83
CA LYS A 257 30.96 -11.36 -21.37
C LYS A 257 31.86 -10.63 -20.38
N GLU A 258 33.16 -10.95 -20.43
CA GLU A 258 34.12 -10.31 -19.55
C GLU A 258 34.14 -8.80 -19.72
N ASN A 259 33.95 -8.31 -20.96
CA ASN A 259 33.97 -6.87 -21.19
C ASN A 259 32.74 -6.19 -20.60
N ASP A 260 31.60 -6.88 -20.57
CA ASP A 260 30.42 -6.33 -19.90
C ASP A 260 30.57 -6.36 -18.39
N ARG A 261 31.15 -7.43 -17.85
CA ARG A 261 31.41 -7.49 -16.42
C ARG A 261 32.33 -6.34 -15.99
N LYS A 262 33.41 -6.11 -16.74
CA LYS A 262 34.33 -5.02 -16.43
C LYS A 262 33.62 -3.68 -16.53
N ALA A 263 32.74 -3.52 -17.52
CA ALA A 263 32.08 -2.24 -17.74
C ALA A 263 31.08 -1.89 -16.66
N LEU A 264 30.68 -2.88 -15.84
CA LEU A 264 29.74 -2.61 -14.75
C LEU A 264 30.44 -2.07 -13.51
N VAL A 265 31.72 -2.39 -13.32
CA VAL A 265 32.39 -2.11 -12.05
C VAL A 265 32.38 -0.62 -11.75
N GLY A 266 32.81 0.19 -12.73
CA GLY A 266 32.93 1.61 -12.54
C GLY A 266 31.63 2.32 -12.18
N PRO A 267 30.60 2.17 -13.03
CA PRO A 267 29.31 2.83 -12.71
C PRO A 267 28.71 2.34 -11.41
N VAL A 268 28.82 1.05 -11.10
CA VAL A 268 28.26 0.56 -9.84
C VAL A 268 28.98 1.20 -8.65
N ASN A 269 30.31 1.32 -8.75
CA ASN A 269 31.06 1.93 -7.66
CA ASN A 269 31.07 1.94 -7.67
C ASN A 269 30.74 3.42 -7.53
N THR A 270 30.61 4.13 -8.65
CA THR A 270 30.24 5.54 -8.58
C THR A 270 28.85 5.73 -8.01
N LEU A 271 27.90 4.85 -8.37
CA LEU A 271 26.59 4.90 -7.76
C LEU A 271 26.65 4.68 -6.25
N ALA A 272 27.40 3.66 -5.82
CA ALA A 272 27.52 3.40 -4.38
C ALA A 272 28.06 4.63 -3.65
N GLU A 273 29.11 5.24 -4.20
CA GLU A 273 29.69 6.43 -3.58
C GLU A 273 28.69 7.58 -3.54
N ASP A 274 28.07 7.89 -4.68
CA ASP A 274 27.10 8.98 -4.72
C ASP A 274 25.94 8.71 -3.76
N LEU A 275 25.37 7.50 -3.80
CA LEU A 275 24.23 7.21 -2.96
C LEU A 275 24.59 7.24 -1.48
N SER A 276 25.87 6.99 -1.14
CA SER A 276 26.28 7.02 0.25
CA SER A 276 26.25 7.02 0.26
C SER A 276 26.25 8.43 0.86
N THR A 277 26.08 9.47 0.03
CA THR A 277 26.03 10.83 0.56
C THR A 277 24.62 11.29 0.89
N LEU A 278 23.60 10.49 0.56
CA LEU A 278 22.23 10.99 0.61
C LEU A 278 21.70 11.13 2.03
N ARG A 279 22.04 10.19 2.93
CA ARG A 279 21.59 10.30 4.31
C ARG A 279 21.99 11.65 4.90
N GLY A 280 23.26 12.02 4.75
CA GLY A 280 23.69 13.32 5.23
C GLY A 280 23.05 14.46 4.47
N LYS A 281 23.05 14.38 3.13
CA LYS A 281 22.57 15.47 2.30
C LYS A 281 21.13 15.82 2.64
N LEU A 282 20.32 14.81 2.92
CA LEU A 282 18.90 14.99 3.21
C LEU A 282 18.62 15.26 4.68
N GLY A 283 19.65 15.35 5.51
CA GLY A 283 19.46 15.71 6.90
C GLY A 283 19.01 14.57 7.78
N LEU A 284 19.45 13.35 7.49
CA LEU A 284 19.04 12.17 8.24
C LEU A 284 20.15 11.55 9.07
N ASN A 285 21.39 11.99 8.90
CA ASN A 285 22.55 11.46 9.63
C ASN A 285 23.81 12.14 9.12
N ALA B 35 18.23 8.39 15.30
CA ALA B 35 17.39 7.66 14.37
C ALA B 35 15.95 8.19 14.38
N THR B 36 15.11 7.61 13.54
CA THR B 36 13.66 7.83 13.64
C THR B 36 13.15 7.20 14.92
N ALA B 37 12.36 7.95 15.69
CA ALA B 37 11.79 7.41 16.91
C ALA B 37 10.73 6.36 16.57
N PRO B 38 10.67 5.26 17.33
CA PRO B 38 9.69 4.22 17.02
C PRO B 38 8.25 4.73 16.97
N LEU B 39 7.89 5.76 17.74
CA LEU B 39 6.53 6.28 17.72
C LEU B 39 6.37 7.48 16.79
N ASP B 40 7.33 7.71 15.89
CA ASP B 40 7.21 8.83 14.97
C ASP B 40 5.93 8.71 14.16
N LEU B 41 5.26 9.86 13.94
CA LEU B 41 3.99 9.86 13.23
C LEU B 41 4.12 9.46 11.77
N VAL B 42 5.34 9.42 11.22
CA VAL B 42 5.49 8.97 9.85
C VAL B 42 4.96 7.55 9.69
N GLY B 43 4.98 6.77 10.77
CA GLY B 43 4.46 5.42 10.77
C GLY B 43 2.96 5.34 10.51
N PRO B 44 2.15 5.87 11.42
CA PRO B 44 0.70 5.79 11.21
C PRO B 44 0.22 6.57 10.00
N VAL B 45 0.87 7.67 9.61
CA VAL B 45 0.42 8.33 8.39
C VAL B 45 0.70 7.46 7.17
N SER B 46 1.87 6.81 7.12
CA SER B 46 2.13 5.89 6.02
CA SER B 46 2.16 5.85 6.05
C SER B 46 1.10 4.76 6.01
N ASP B 47 0.76 4.22 7.18
CA ASP B 47 -0.22 3.15 7.23
C ASP B 47 -1.59 3.63 6.79
N TYR B 48 -1.90 4.88 7.05
CA TYR B 48 -3.19 5.40 6.59
C TYR B 48 -3.21 5.51 5.07
N LYS B 49 -2.11 5.94 4.45
CA LYS B 49 -2.10 5.97 3.00
C LYS B 49 -2.29 4.56 2.43
N ILE B 50 -1.71 3.54 3.07
CA ILE B 50 -1.96 2.16 2.62
C ILE B 50 -3.44 1.83 2.74
N TYR B 51 -4.07 2.16 3.87
CA TYR B 51 -5.49 1.89 4.07
C TYR B 51 -6.34 2.60 3.03
N VAL B 52 -6.05 3.89 2.81
CA VAL B 52 -6.81 4.65 1.81
C VAL B 52 -6.59 4.06 0.42
N THR B 53 -5.35 3.73 0.08
CA THR B 53 -5.06 3.16 -1.23
C THR B 53 -5.82 1.86 -1.45
N GLU B 54 -5.85 0.99 -0.44
CA GLU B 54 -6.56 -0.28 -0.58
C GLU B 54 -8.05 -0.04 -0.80
N ASN B 55 -8.63 0.92 -0.06
CA ASN B 55 -10.04 1.21 -0.24
C ASN B 55 -10.32 1.83 -1.61
N ILE B 56 -9.41 2.67 -2.11
CA ILE B 56 -9.63 3.25 -3.43
C ILE B 56 -9.48 2.20 -4.53
N GLU B 57 -8.59 1.22 -4.34
CA GLU B 57 -8.54 0.10 -5.28
C GLU B 57 -9.89 -0.61 -5.35
N GLU B 58 -10.49 -0.88 -4.19
CA GLU B 58 -11.81 -1.51 -4.16
C GLU B 58 -12.86 -0.58 -4.76
N LEU B 59 -12.76 0.72 -4.48
CA LEU B 59 -13.73 1.66 -5.05
C LEU B 59 -13.69 1.62 -6.57
N VAL B 60 -12.50 1.59 -7.17
CA VAL B 60 -12.41 1.57 -8.63
C VAL B 60 -13.01 0.29 -9.20
N SER B 61 -12.68 -0.86 -8.61
CA SER B 61 -13.20 -2.12 -9.15
CA SER B 61 -13.20 -2.13 -9.12
C SER B 61 -14.72 -2.21 -8.99
N HIS B 62 -15.25 -1.77 -7.85
CA HIS B 62 -16.69 -1.81 -7.67
C HIS B 62 -17.39 -0.77 -8.55
N THR B 63 -16.77 0.40 -8.72
CA THR B 63 -17.37 1.42 -9.58
C THR B 63 -17.40 0.94 -11.03
N GLN B 64 -16.36 0.23 -11.47
CA GLN B 64 -16.39 -0.36 -12.81
C GLN B 64 -17.61 -1.26 -12.97
N LYS B 65 -17.86 -2.14 -11.99
CA LYS B 65 -19.01 -3.04 -12.07
C LYS B 65 -20.34 -2.27 -11.96
N PHE B 66 -20.38 -1.24 -11.11
CA PHE B 66 -21.61 -0.49 -10.92
C PHE B 66 -21.98 0.29 -12.18
N THR B 67 -21.00 1.00 -12.76
CA THR B 67 -21.27 1.78 -13.97
C THR B 67 -21.47 0.88 -15.19
N ASP B 68 -20.80 -0.27 -15.24
CA ASP B 68 -21.06 -1.21 -16.32
C ASP B 68 -22.52 -1.66 -16.32
N ALA B 69 -23.06 -1.93 -15.13
CA ALA B 69 -24.45 -2.35 -15.04
C ALA B 69 -25.40 -1.23 -15.47
N VAL B 70 -25.07 0.01 -15.09
CA VAL B 70 -25.92 1.13 -15.51
C VAL B 70 -25.98 1.21 -17.03
N LYS B 71 -24.81 1.17 -17.68
CA LYS B 71 -24.75 1.21 -19.14
C LYS B 71 -25.47 0.03 -19.76
N LYS B 72 -25.44 -1.13 -19.10
CA LYS B 72 -26.11 -2.32 -19.62
C LYS B 72 -27.63 -2.22 -19.51
N GLY B 73 -28.13 -1.31 -18.67
CA GLY B 73 -29.56 -1.26 -18.40
C GLY B 73 -30.02 -2.21 -17.33
N ASP B 74 -29.08 -2.86 -16.62
CA ASP B 74 -29.42 -3.81 -15.57
C ASP B 74 -29.68 -3.03 -14.30
N ILE B 75 -30.93 -2.59 -14.15
CA ILE B 75 -31.31 -1.76 -13.00
C ILE B 75 -31.13 -2.53 -11.70
N ALA B 76 -31.54 -3.81 -11.68
CA ALA B 76 -31.47 -4.57 -10.44
C ALA B 76 -30.02 -4.74 -9.97
N THR B 77 -29.11 -5.05 -10.90
CA THR B 77 -27.72 -5.23 -10.52
C THR B 77 -27.10 -3.91 -10.10
N ALA B 78 -27.38 -2.82 -10.83
CA ALA B 78 -26.82 -1.53 -10.47
C ALA B 78 -27.28 -1.12 -9.08
N LYS B 79 -28.54 -1.35 -8.76
CA LYS B 79 -29.06 -1.00 -7.43
C LYS B 79 -28.37 -1.80 -6.33
N LYS B 80 -28.11 -3.09 -6.58
CA LYS B 80 -27.43 -3.91 -5.57
C LYS B 80 -25.99 -3.49 -5.38
N LEU B 81 -25.34 -2.97 -6.42
CA LEU B 81 -23.94 -2.55 -6.34
C LEU B 81 -23.76 -1.15 -5.78
N TYR B 82 -24.84 -0.36 -5.73
CA TYR B 82 -24.73 1.07 -5.39
C TYR B 82 -24.11 1.28 -4.01
N ALA B 83 -24.75 0.76 -2.96
CA ALA B 83 -24.27 1.07 -1.62
C ALA B 83 -22.93 0.40 -1.30
N PRO B 84 -22.72 -0.89 -1.59
CA PRO B 84 -21.38 -1.45 -1.28
C PRO B 84 -20.25 -0.73 -1.98
N THR B 85 -20.48 -0.21 -3.20
CA THR B 85 -19.45 0.58 -3.86
C THR B 85 -19.12 1.82 -3.05
N ARG B 86 -20.15 2.52 -2.56
CA ARG B 86 -19.96 3.78 -1.87
C ARG B 86 -19.25 3.63 -0.53
N VAL B 87 -19.35 2.45 0.11
CA VAL B 87 -18.69 2.26 1.39
C VAL B 87 -17.21 2.60 1.29
N TYR B 88 -16.57 2.19 0.20
CA TYR B 88 -15.14 2.43 0.06
C TYR B 88 -14.83 3.92 -0.02
N TYR B 89 -15.71 4.71 -0.66
CA TYR B 89 -15.53 6.16 -0.71
C TYR B 89 -15.79 6.78 0.65
N GLU B 90 -16.89 6.39 1.30
CA GLU B 90 -17.23 6.97 2.59
C GLU B 90 -16.17 6.68 3.65
N SER B 91 -15.44 5.55 3.52
CA SER B 91 -14.40 5.24 4.49
C SER B 91 -13.17 6.11 4.35
N VAL B 92 -13.00 6.81 3.23
CA VAL B 92 -11.78 7.58 3.01
C VAL B 92 -12.09 9.06 2.77
N GLU B 93 -13.24 9.53 3.24
CA GLU B 93 -13.61 10.92 2.97
CA GLU B 93 -13.63 10.92 3.03
C GLU B 93 -12.58 11.95 3.46
N PRO B 94 -11.81 11.75 4.53
CA PRO B 94 -10.85 12.80 4.91
C PRO B 94 -9.88 13.13 3.80
N ILE B 95 -9.55 12.15 2.96
CA ILE B 95 -8.67 12.40 1.82
C ILE B 95 -9.46 12.78 0.58
N ALA B 96 -10.56 12.07 0.29
CA ALA B 96 -11.32 12.38 -0.92
C ALA B 96 -11.80 13.82 -0.94
N GLU B 97 -12.21 14.35 0.21
CA GLU B 97 -12.76 15.71 0.25
C GLU B 97 -11.68 16.79 0.14
N LEU B 98 -10.40 16.41 0.14
CA LEU B 98 -9.35 17.38 -0.15
C LEU B 98 -9.35 17.85 -1.60
N PHE B 99 -10.00 17.10 -2.47
CA PHE B 99 -10.11 17.43 -3.89
C PHE B 99 -11.54 17.94 -4.08
N SER B 100 -11.73 19.25 -3.90
CA SER B 100 -13.07 19.83 -3.73
CA SER B 100 -13.07 19.79 -3.73
C SER B 100 -13.95 19.58 -4.96
N ASP B 101 -13.46 19.95 -6.13
CA ASP B 101 -14.28 19.80 -7.33
C ASP B 101 -14.49 18.34 -7.69
N LEU B 102 -13.46 17.50 -7.51
CA LEU B 102 -13.62 16.09 -7.80
C LEU B 102 -14.64 15.44 -6.87
N ASP B 103 -14.55 15.74 -5.57
CA ASP B 103 -15.51 15.21 -4.61
C ASP B 103 -16.95 15.61 -4.98
N ALA B 104 -17.14 16.87 -5.38
CA ALA B 104 -18.47 17.30 -5.80
C ALA B 104 -18.94 16.53 -7.03
N SER B 105 -18.05 16.32 -7.99
CA SER B 105 -18.42 15.59 -9.21
CA SER B 105 -18.41 15.59 -9.20
C SER B 105 -18.81 14.15 -8.90
N ILE B 106 -18.14 13.54 -7.93
CA ILE B 106 -18.39 12.14 -7.59
C ILE B 106 -19.59 11.98 -6.67
N ASP B 107 -19.78 12.93 -5.73
CA ASP B 107 -20.61 12.62 -4.56
C ASP B 107 -21.51 13.76 -4.08
N SER B 108 -21.74 14.80 -4.86
CA SER B 108 -22.60 15.85 -4.33
C SER B 108 -24.04 15.34 -4.23
N ARG B 109 -24.81 15.98 -3.34
CA ARG B 109 -26.22 15.67 -3.15
C ARG B 109 -27.08 16.73 -3.82
N VAL B 110 -28.39 16.45 -3.91
CA VAL B 110 -29.34 17.45 -4.39
C VAL B 110 -29.19 18.74 -3.59
N ASP B 111 -28.97 18.60 -2.27
CA ASP B 111 -28.82 19.73 -1.35
C ASP B 111 -27.71 20.69 -1.78
N ASP B 112 -26.71 20.19 -2.51
CA ASP B 112 -25.56 21.00 -2.87
C ASP B 112 -25.80 21.86 -4.10
N HIS B 113 -26.96 21.75 -4.73
CA HIS B 113 -27.19 22.39 -6.02
C HIS B 113 -28.31 23.38 -5.91
N GLU B 114 -28.06 24.61 -6.35
CA GLU B 114 -29.12 25.60 -6.38
CA GLU B 114 -29.11 25.62 -6.40
C GLU B 114 -30.26 25.14 -7.27
N GLN B 115 -29.95 24.46 -8.35
CA GLN B 115 -30.96 23.97 -9.30
C GLN B 115 -31.49 22.59 -8.94
N GLY B 116 -31.06 22.02 -7.82
CA GLY B 116 -31.61 20.75 -7.39
C GLY B 116 -31.32 19.64 -8.39
N VAL B 117 -32.31 18.76 -8.55
CA VAL B 117 -32.14 17.57 -9.38
C VAL B 117 -31.89 17.91 -10.84
N ALA B 118 -32.31 19.08 -11.29
CA ALA B 118 -32.15 19.47 -12.69
C ALA B 118 -30.79 20.10 -12.99
N ALA B 119 -29.93 20.24 -11.99
CA ALA B 119 -28.64 20.87 -12.22
C ALA B 119 -27.78 20.04 -13.18
N GLU B 120 -27.26 20.70 -14.22
CA GLU B 120 -26.36 20.02 -15.14
C GLU B 120 -25.14 19.45 -14.41
N ASP B 121 -24.68 20.13 -13.37
CA ASP B 121 -23.50 19.70 -12.61
C ASP B 121 -23.81 18.71 -11.50
N PHE B 122 -25.06 18.23 -11.41
CA PHE B 122 -25.41 17.17 -10.49
C PHE B 122 -25.08 15.85 -11.17
N THR B 123 -23.92 15.28 -10.83
CA THR B 123 -23.44 14.07 -11.48
C THR B 123 -23.06 13.04 -10.42
N GLY B 124 -22.42 11.94 -10.83
CA GLY B 124 -21.86 11.04 -9.85
C GLY B 124 -22.91 10.14 -9.19
N PHE B 125 -22.58 9.71 -7.97
CA PHE B 125 -23.35 8.66 -7.30
C PHE B 125 -24.81 9.03 -7.10
N HIS B 126 -25.07 10.24 -6.60
CA HIS B 126 -26.44 10.61 -6.27
C HIS B 126 -27.27 10.99 -7.47
N ARG B 127 -26.63 11.41 -8.58
CA ARG B 127 -27.35 11.58 -9.83
C ARG B 127 -27.85 10.22 -10.33
N LEU B 128 -26.99 9.20 -10.30
CA LEU B 128 -27.43 7.86 -10.67
C LEU B 128 -28.39 7.27 -9.64
N GLU B 129 -28.22 7.64 -8.37
CA GLU B 129 -29.16 7.20 -7.33
C GLU B 129 -30.58 7.65 -7.66
N TYR B 130 -30.73 8.89 -8.13
CA TYR B 130 -32.05 9.39 -8.52
C TYR B 130 -32.62 8.56 -9.66
N ALA B 131 -31.81 8.32 -10.70
CA ALA B 131 -32.29 7.58 -11.85
C ALA B 131 -32.69 6.15 -11.47
N LEU B 132 -31.84 5.47 -10.69
CA LEU B 132 -32.06 4.06 -10.40
C LEU B 132 -33.19 3.86 -9.39
N PHE B 133 -33.20 4.64 -8.31
CA PHE B 133 -34.06 4.37 -7.17
C PHE B 133 -35.35 5.18 -7.16
N SER B 134 -35.31 6.42 -7.64
CA SER B 134 -36.55 7.20 -7.72
C SER B 134 -37.28 6.93 -9.02
N GLN B 135 -36.55 6.94 -10.13
CA GLN B 135 -37.14 6.93 -11.47
C GLN B 135 -37.10 5.55 -12.11
N ASN B 136 -36.40 4.59 -11.52
CA ASN B 136 -36.35 3.22 -12.03
C ASN B 136 -35.96 3.19 -13.51
N THR B 137 -34.84 3.83 -13.83
CA THR B 137 -34.42 3.96 -15.21
C THR B 137 -32.90 4.00 -15.31
N THR B 138 -32.40 3.61 -16.48
CA THR B 138 -31.03 3.89 -16.90
C THR B 138 -30.97 4.71 -18.18
N LYS B 139 -32.11 5.26 -18.61
CA LYS B 139 -32.14 6.00 -19.86
C LYS B 139 -31.23 7.21 -19.81
N ASP B 140 -30.34 7.32 -20.79
CA ASP B 140 -29.39 8.42 -20.95
C ASP B 140 -28.42 8.55 -19.77
N GLN B 141 -28.33 7.52 -18.93
CA GLN B 141 -27.42 7.52 -17.79
C GLN B 141 -26.01 7.04 -18.14
N GLY B 142 -25.80 6.53 -19.35
CA GLY B 142 -24.50 6.09 -19.81
C GLY B 142 -23.39 7.12 -19.65
N PRO B 143 -23.59 8.33 -20.18
CA PRO B 143 -22.55 9.36 -20.01
C PRO B 143 -22.28 9.70 -18.55
N ILE B 144 -23.30 9.69 -17.70
CA ILE B 144 -23.09 9.94 -16.27
C ILE B 144 -22.25 8.81 -15.68
N ALA B 145 -22.57 7.57 -16.04
CA ALA B 145 -21.79 6.44 -15.54
C ALA B 145 -20.35 6.50 -16.05
N ASP B 146 -20.16 6.82 -17.33
CA ASP B 146 -18.81 6.98 -17.86
C ASP B 146 -18.02 8.01 -17.06
N LYS B 147 -18.66 9.13 -16.74
CA LYS B 147 -17.97 10.21 -16.04
C LYS B 147 -17.64 9.82 -14.60
N LEU B 148 -18.52 9.06 -13.95
CA LEU B 148 -18.25 8.65 -12.58
C LEU B 148 -17.04 7.73 -12.53
N LEU B 149 -16.95 6.78 -13.46
CA LEU B 149 -15.79 5.89 -13.49
C LEU B 149 -14.52 6.67 -13.82
N SER B 150 -14.60 7.62 -14.76
CA SER B 150 -13.43 8.42 -15.07
C SER B 150 -13.00 9.24 -13.85
N ASP B 151 -13.96 9.74 -13.08
CA ASP B 151 -13.64 10.57 -11.94
C ASP B 151 -13.01 9.76 -10.81
N VAL B 152 -13.50 8.55 -10.55
CA VAL B 152 -12.87 7.77 -9.48
CA VAL B 152 -12.89 7.75 -9.49
C VAL B 152 -11.49 7.30 -9.91
N LYS B 153 -11.28 7.08 -11.21
CA LYS B 153 -9.92 6.77 -11.67
C LYS B 153 -9.00 7.97 -11.52
N ASP B 154 -9.53 9.17 -11.77
CA ASP B 154 -8.78 10.40 -11.48
CA ASP B 154 -8.76 10.39 -11.48
C ASP B 154 -8.42 10.48 -10.01
N LEU B 155 -9.41 10.27 -9.13
CA LEU B 155 -9.15 10.27 -7.69
C LEU B 155 -8.05 9.28 -7.32
N GLU B 156 -8.09 8.06 -7.88
CA GLU B 156 -7.05 7.07 -7.60
C GLU B 156 -5.66 7.62 -7.92
N LYS B 157 -5.52 8.31 -9.06
CA LYS B 157 -4.20 8.84 -9.43
C LYS B 157 -3.82 10.00 -8.53
N ARG B 158 -4.78 10.84 -8.16
CA ARG B 158 -4.48 11.97 -7.29
C ARG B 158 -4.09 11.52 -5.89
N VAL B 159 -4.72 10.46 -5.38
CA VAL B 159 -4.35 9.95 -4.06
C VAL B 159 -2.95 9.36 -4.11
N ALA B 160 -2.65 8.59 -5.16
CA ALA B 160 -1.28 8.04 -5.30
C ALA B 160 -0.24 9.14 -5.32
N ASP B 161 -0.55 10.27 -5.98
N ASP B 161 -0.55 10.27 -5.98
CA ASP B 161 0.40 11.37 -6.07
CA ASP B 161 0.38 11.39 -6.08
C ASP B 161 0.45 12.22 -4.80
C ASP B 161 0.42 12.26 -4.84
N LEU B 162 -0.50 12.07 -3.90
CA LEU B 162 -0.64 12.98 -2.76
C LEU B 162 0.31 12.65 -1.63
N THR B 163 1.04 13.67 -1.16
CA THR B 163 1.69 13.63 0.15
C THR B 163 0.61 13.90 1.20
N PHE B 164 0.27 12.89 1.98
CA PHE B 164 -0.82 13.00 2.94
C PHE B 164 -0.50 14.04 4.00
N PRO B 165 -1.30 15.09 4.16
CA PRO B 165 -1.07 16.05 5.23
C PRO B 165 -1.40 15.45 6.59
N PRO B 166 -0.42 15.36 7.49
CA PRO B 166 -0.68 14.67 8.77
C PRO B 166 -1.82 15.29 9.56
N GLU B 167 -1.98 16.61 9.51
CA GLU B 167 -3.08 17.23 10.25
C GLU B 167 -4.44 16.85 9.66
N LYS B 168 -4.53 16.66 8.34
CA LYS B 168 -5.80 16.24 7.76
C LYS B 168 -6.09 14.79 8.10
N VAL B 169 -5.05 13.97 8.21
CA VAL B 169 -5.24 12.57 8.59
C VAL B 169 -5.74 12.48 10.02
N VAL B 170 -5.05 13.12 10.96
CA VAL B 170 -5.40 13.01 12.37
C VAL B 170 -6.75 13.65 12.65
N GLY B 171 -7.01 14.81 12.02
CA GLY B 171 -8.33 15.41 12.14
C GLY B 171 -9.43 14.69 11.38
N GLY B 172 -9.09 13.65 10.63
CA GLY B 172 -10.07 13.02 9.76
C GLY B 172 -11.11 12.25 10.52
N ALA B 173 -10.76 11.73 11.70
CA ALA B 173 -11.73 11.01 12.51
C ALA B 173 -12.85 11.95 12.97
N ALA B 174 -12.49 13.15 13.43
CA ALA B 174 -13.51 14.13 13.79
C ALA B 174 -14.31 14.57 12.56
N ALA B 175 -13.65 14.79 11.43
CA ALA B 175 -14.37 15.18 10.23
C ALA B 175 -15.42 14.16 9.82
N LEU B 176 -15.08 12.87 9.94
CA LEU B 176 -16.04 11.82 9.61
C LEU B 176 -17.19 11.78 10.60
N LEU B 177 -16.91 11.96 11.88
CA LEU B 177 -17.99 11.92 12.86
C LEU B 177 -18.91 13.13 12.72
N GLU B 178 -18.36 14.28 12.34
CA GLU B 178 -19.22 15.44 12.09
CA GLU B 178 -19.20 15.45 12.08
C GLU B 178 -20.14 15.21 10.91
N GLU B 179 -19.66 14.46 9.90
CA GLU B 179 -20.51 14.12 8.76
C GLU B 179 -21.61 13.14 9.17
N VAL B 180 -21.29 12.20 10.05
CA VAL B 180 -22.32 11.30 10.57
C VAL B 180 -23.40 12.11 11.28
N ALA B 181 -22.98 13.06 12.13
CA ALA B 181 -23.93 13.86 12.87
C ALA B 181 -24.75 14.75 11.95
N ALA B 182 -24.16 15.21 10.83
CA ALA B 182 -24.82 16.18 9.97
C ALA B 182 -25.85 15.53 9.04
N THR B 183 -25.56 14.37 8.44
CA THR B 183 -26.44 13.83 7.41
C THR B 183 -26.76 12.35 7.52
N LYS B 184 -25.93 11.53 8.17
CA LYS B 184 -26.21 10.10 8.17
C LYS B 184 -27.15 9.70 9.30
N ILE B 185 -26.98 10.27 10.48
CA ILE B 185 -27.84 9.92 11.60
C ILE B 185 -29.29 10.28 11.31
N SER B 186 -29.52 11.31 10.50
CA SER B 186 -30.86 11.75 10.12
C SER B 186 -31.32 11.18 8.78
N GLY B 187 -30.53 10.31 8.15
CA GLY B 187 -30.94 9.71 6.89
C GLY B 187 -31.08 10.65 5.73
N GLU B 188 -30.22 11.67 5.66
CA GLU B 188 -30.28 12.66 4.59
C GLU B 188 -29.18 12.50 3.55
N GLU B 189 -28.40 11.41 3.62
CA GLU B 189 -27.34 11.23 2.63
C GLU B 189 -27.87 10.61 1.35
N ASP B 190 -28.77 9.64 1.47
CA ASP B 190 -29.27 8.87 0.33
C ASP B 190 -30.79 9.04 0.28
N ARG B 191 -31.23 10.20 -0.20
CA ARG B 191 -32.65 10.53 -0.08
C ARG B 191 -33.54 9.72 -1.01
N TYR B 192 -32.97 8.93 -1.92
CA TYR B 192 -33.77 8.07 -2.80
C TYR B 192 -33.59 6.59 -2.55
N SER B 193 -32.34 6.12 -2.36
CA SER B 193 -32.11 4.72 -2.04
C SER B 193 -32.27 4.40 -0.57
N HIS B 194 -32.12 5.41 0.31
CA HIS B 194 -32.19 5.24 1.77
C HIS B 194 -31.20 4.19 2.27
N THR B 195 -30.03 4.11 1.63
CA THR B 195 -28.95 3.22 2.04
C THR B 195 -27.98 3.89 3.01
N ASP B 196 -28.46 4.84 3.81
CA ASP B 196 -27.58 5.68 4.61
C ASP B 196 -26.79 4.89 5.65
N LEU B 197 -27.32 3.74 6.10
CA LEU B 197 -26.59 2.98 7.11
C LEU B 197 -25.26 2.44 6.58
N TYR B 198 -25.19 2.11 5.29
CA TYR B 198 -23.90 1.71 4.71
C TYR B 198 -22.89 2.83 4.84
N ASP B 199 -23.32 4.06 4.50
CA ASP B 199 -22.44 5.22 4.56
C ASP B 199 -22.10 5.58 6.00
N PHE B 200 -23.09 5.49 6.90
CA PHE B 200 -22.89 5.66 8.33
C PHE B 200 -21.77 4.74 8.83
N GLN B 201 -21.93 3.44 8.59
CA GLN B 201 -20.95 2.47 9.06
C GLN B 201 -19.59 2.68 8.40
N GLY B 202 -19.58 3.09 7.13
CA GLY B 202 -18.32 3.36 6.47
C GLY B 202 -17.58 4.54 7.09
N ASN B 203 -18.29 5.63 7.37
CA ASN B 203 -17.69 6.76 8.07
C ASN B 203 -17.12 6.32 9.43
N ILE B 204 -17.92 5.56 10.19
CA ILE B 204 -17.48 5.11 11.51
C ILE B 204 -16.24 4.24 11.40
N ASP B 205 -16.24 3.30 10.44
CA ASP B 205 -15.09 2.42 10.29
C ASP B 205 -13.85 3.21 9.89
N GLY B 206 -14.00 4.19 9.00
CA GLY B 206 -12.84 4.99 8.60
C GLY B 206 -12.31 5.84 9.73
N ALA B 207 -13.19 6.30 10.61
CA ALA B 207 -12.76 7.06 11.78
C ALA B 207 -12.08 6.16 12.80
N LYS B 208 -12.64 4.98 13.03
CA LYS B 208 -12.02 4.04 13.95
C LYS B 208 -10.65 3.58 13.46
N LYS B 209 -10.45 3.50 12.15
CA LYS B 209 -9.14 3.16 11.60
C LYS B 209 -8.10 4.20 11.98
N ILE B 210 -8.45 5.49 11.86
CA ILE B 210 -7.53 6.56 12.23
C ILE B 210 -7.21 6.48 13.72
N VAL B 211 -8.25 6.32 14.54
CA VAL B 211 -8.06 6.20 15.99
C VAL B 211 -7.13 5.04 16.31
N ASP B 212 -7.32 3.90 15.63
CA ASP B 212 -6.49 2.73 15.89
C ASP B 212 -5.06 2.94 15.47
N LEU B 213 -4.84 3.58 14.31
CA LEU B 213 -3.48 3.78 13.82
C LEU B 213 -2.69 4.68 14.75
N PHE B 214 -3.33 5.69 15.33
CA PHE B 214 -2.64 6.64 16.20
C PHE B 214 -2.81 6.29 17.66
N ARG B 215 -3.32 5.10 17.97
CA ARG B 215 -3.45 4.68 19.36
C ARG B 215 -2.14 4.73 20.15
N PRO B 216 -0.98 4.31 19.61
CA PRO B 216 0.25 4.38 20.43
C PRO B 216 0.59 5.78 20.85
N GLN B 217 0.41 6.76 19.96
CA GLN B 217 0.73 8.14 20.30
C GLN B 217 -0.31 8.74 21.23
N ILE B 218 -1.58 8.40 21.02
CA ILE B 218 -2.64 8.94 21.86
C ILE B 218 -2.53 8.40 23.29
N GLU B 219 -2.27 7.10 23.43
CA GLU B 219 -2.22 6.51 24.76
C GLU B 219 -0.93 6.85 25.51
N GLN B 220 0.06 7.40 24.82
CA GLN B 220 1.17 8.03 25.54
C GLN B 220 0.67 9.21 26.35
N GLN B 221 -0.21 10.02 25.76
CA GLN B 221 -0.68 11.25 26.35
C GLN B 221 -1.91 11.05 27.24
N ASP B 222 -2.91 10.30 26.76
CA ASP B 222 -4.20 10.25 27.45
C ASP B 222 -4.83 8.89 27.22
N LYS B 223 -4.49 7.93 28.09
CA LYS B 223 -5.04 6.59 27.96
C LYS B 223 -6.50 6.52 28.41
N ALA B 224 -6.88 7.33 29.40
CA ALA B 224 -8.28 7.37 29.79
C ALA B 224 -9.14 7.97 28.68
N PHE B 225 -8.62 8.98 28.00
CA PHE B 225 -9.33 9.55 26.85
C PHE B 225 -9.54 8.51 25.77
N SER B 226 -8.55 7.65 25.55
CA SER B 226 -8.66 6.63 24.50
C SER B 226 -9.70 5.57 24.86
N SER B 227 -9.72 5.13 26.12
CA SER B 227 -10.74 4.17 26.53
C SER B 227 -12.13 4.76 26.42
N LYS B 228 -12.27 6.07 26.69
CA LYS B 228 -13.55 6.74 26.53
C LYS B 228 -14.00 6.73 25.07
N VAL B 229 -13.06 6.91 24.14
CA VAL B 229 -13.42 6.94 22.73
C VAL B 229 -13.83 5.56 22.25
N ASP B 230 -13.08 4.53 22.65
CA ASP B 230 -13.39 3.17 22.23
C ASP B 230 -14.80 2.75 22.67
N LYS B 231 -15.18 3.09 23.89
CA LYS B 231 -16.49 2.66 24.38
C LYS B 231 -17.62 3.29 23.59
N ASN B 232 -17.45 4.56 23.17
CA ASN B 232 -18.48 5.18 22.36
C ASN B 232 -18.54 4.59 20.96
N PHE B 233 -17.37 4.25 20.39
CA PHE B 233 -17.38 3.52 19.12
C PHE B 233 -18.10 2.17 19.26
N ALA B 234 -17.84 1.45 20.36
CA ALA B 234 -18.47 0.15 20.56
C ALA B 234 -19.99 0.29 20.70
N THR B 235 -20.45 1.35 21.35
CA THR B 235 -21.88 1.58 21.46
C THR B 235 -22.50 1.81 20.09
N VAL B 236 -21.87 2.65 19.28
CA VAL B 236 -22.38 2.94 17.94
C VAL B 236 -22.40 1.68 17.09
N ASP B 237 -21.32 0.90 17.13
CA ASP B 237 -21.26 -0.31 16.31
C ASP B 237 -22.32 -1.32 16.73
N LYS B 238 -22.60 -1.40 18.03
CA LYS B 238 -23.60 -2.34 18.51
C LYS B 238 -25.00 -1.98 18.00
N ILE B 239 -25.33 -0.69 17.98
CA ILE B 239 -26.63 -0.28 17.47
C ILE B 239 -26.72 -0.54 15.96
N LEU B 240 -25.69 -0.13 15.22
CA LEU B 240 -25.71 -0.35 13.78
C LEU B 240 -25.80 -1.84 13.45
N ALA B 241 -25.15 -2.69 14.26
CA ALA B 241 -25.16 -4.12 13.99
C ALA B 241 -26.57 -4.69 14.03
N LYS B 242 -27.46 -4.07 14.79
CA LYS B 242 -28.86 -4.50 14.84
C LYS B 242 -29.52 -4.48 13.48
N TYR B 243 -28.96 -3.75 12.51
CA TYR B 243 -29.59 -3.60 11.21
C TYR B 243 -28.79 -4.22 10.08
N LYS B 244 -27.74 -4.98 10.40
CA LYS B 244 -27.02 -5.74 9.39
C LYS B 244 -27.91 -6.86 8.86
N THR B 245 -27.68 -7.24 7.60
CA THR B 245 -28.42 -8.33 6.97
C THR B 245 -27.50 -9.55 6.84
N LYS B 246 -28.01 -10.58 6.14
CA LYS B 246 -27.30 -11.87 6.10
C LYS B 246 -26.04 -11.80 5.25
N ASP B 247 -26.09 -11.07 4.14
CA ASP B 247 -24.85 -10.66 3.48
C ASP B 247 -24.30 -9.44 4.21
N GLY B 248 -23.15 -8.95 3.77
CA GLY B 248 -22.58 -7.76 4.40
C GLY B 248 -23.38 -6.51 4.11
N GLY B 249 -24.70 -6.54 4.37
CA GLY B 249 -25.59 -5.46 4.02
C GLY B 249 -26.26 -4.84 5.23
N PHE B 250 -27.14 -3.87 4.92
CA PHE B 250 -27.87 -3.10 5.93
C PHE B 250 -29.31 -2.93 5.49
N GLU B 251 -30.21 -2.85 6.47
CA GLU B 251 -31.57 -2.43 6.20
C GLU B 251 -31.60 -1.00 5.66
N THR B 252 -32.71 -0.63 5.03
CA THR B 252 -32.86 0.76 4.62
C THR B 252 -33.17 1.63 5.83
N TYR B 253 -32.94 2.94 5.68
CA TYR B 253 -32.95 3.82 6.84
C TYR B 253 -34.30 3.85 7.54
N ASP B 254 -35.39 3.68 6.78
CA ASP B 254 -36.73 3.71 7.38
C ASP B 254 -36.93 2.60 8.40
N LYS B 255 -36.12 1.53 8.34
CA LYS B 255 -36.24 0.44 9.32
C LYS B 255 -35.70 0.82 10.68
N VAL B 256 -34.87 1.86 10.77
CA VAL B 256 -34.21 2.17 12.04
C VAL B 256 -35.24 2.70 13.01
N LYS B 257 -35.47 1.97 14.10
CA LYS B 257 -36.43 2.37 15.10
C LYS B 257 -36.01 3.69 15.75
N GLU B 258 -37.00 4.52 16.08
CA GLU B 258 -36.72 5.84 16.62
C GLU B 258 -35.91 5.76 17.90
N ASN B 259 -36.09 4.71 18.70
CA ASN B 259 -35.29 4.54 19.90
C ASN B 259 -33.81 4.35 19.55
N ASP B 260 -33.53 3.57 18.51
CA ASP B 260 -32.15 3.34 18.10
C ASP B 260 -31.54 4.60 17.50
N ARG B 261 -32.35 5.47 16.91
CA ARG B 261 -31.84 6.73 16.39
C ARG B 261 -31.38 7.65 17.51
N LYS B 262 -32.20 7.79 18.56
CA LYS B 262 -31.85 8.69 19.65
C LYS B 262 -30.69 8.14 20.47
N ALA B 263 -30.54 6.81 20.52
CA ALA B 263 -29.40 6.23 21.22
C ALA B 263 -28.09 6.47 20.50
N LEU B 264 -28.13 6.75 19.19
CA LEU B 264 -26.91 7.02 18.43
C LEU B 264 -26.42 8.44 18.63
N VAL B 265 -27.29 9.36 19.03
CA VAL B 265 -27.00 10.80 19.01
C VAL B 265 -25.91 11.14 20.01
N GLY B 266 -26.04 10.67 21.25
CA GLY B 266 -25.09 10.97 22.28
C GLY B 266 -23.68 10.51 21.96
N PRO B 267 -23.51 9.21 21.67
CA PRO B 267 -22.16 8.73 21.33
C PRO B 267 -21.55 9.44 20.13
N VAL B 268 -22.33 9.73 19.09
CA VAL B 268 -21.78 10.38 17.90
C VAL B 268 -21.28 11.78 18.23
N ASN B 269 -22.04 12.54 19.04
CA ASN B 269 -21.61 13.90 19.34
C ASN B 269 -20.48 13.94 20.35
N THR B 270 -20.46 13.01 21.30
CA THR B 270 -19.30 12.92 22.18
C THR B 270 -18.05 12.58 21.37
N LEU B 271 -18.18 11.67 20.41
CA LEU B 271 -17.05 11.29 19.57
C LEU B 271 -16.57 12.47 18.73
N ALA B 272 -17.51 13.21 18.12
CA ALA B 272 -17.12 14.36 17.31
C ALA B 272 -16.32 15.37 18.13
N GLU B 273 -16.72 15.59 19.39
CA GLU B 273 -15.99 16.55 20.22
C GLU B 273 -14.66 15.96 20.68
N ASP B 274 -14.67 14.72 21.18
CA ASP B 274 -13.43 14.10 21.64
C ASP B 274 -12.41 14.00 20.51
N LEU B 275 -12.86 13.56 19.32
CA LEU B 275 -11.94 13.39 18.20
C LEU B 275 -11.41 14.71 17.69
N SER B 276 -12.11 15.82 17.95
CA SER B 276 -11.64 17.13 17.53
C SER B 276 -10.41 17.60 18.31
N THR B 277 -10.05 16.90 19.38
CA THR B 277 -8.88 17.26 20.17
C THR B 277 -7.62 16.51 19.74
N LEU B 278 -7.73 15.57 18.80
CA LEU B 278 -6.59 14.71 18.48
C LEU B 278 -5.43 15.51 17.88
N ARG B 279 -5.73 16.46 16.99
CA ARG B 279 -4.66 17.23 16.37
C ARG B 279 -3.83 17.95 17.41
N GLY B 280 -4.49 18.54 18.41
CA GLY B 280 -3.76 19.24 19.45
C GLY B 280 -3.01 18.31 20.38
N LYS B 281 -3.62 17.17 20.71
CA LYS B 281 -2.94 16.18 21.54
C LYS B 281 -1.64 15.71 20.89
N LEU B 282 -1.60 15.63 19.57
CA LEU B 282 -0.44 15.14 18.84
C LEU B 282 0.45 16.26 18.31
N GLY B 283 0.19 17.50 18.72
CA GLY B 283 1.07 18.60 18.36
C GLY B 283 0.99 19.02 16.91
N LEU B 284 -0.16 18.83 16.26
CA LEU B 284 -0.34 19.15 14.86
C LEU B 284 -1.17 20.40 14.63
N ASN B 285 -1.59 21.09 15.68
CA ASN B 285 -2.30 22.34 15.54
C ASN B 285 -1.33 23.45 15.14
S SO4 C . 15.73 -10.46 13.92
O1 SO4 C . 17.19 -10.53 14.01
O2 SO4 C . 15.11 -11.05 15.11
O3 SO4 C . 15.26 -11.22 12.75
O4 SO4 C . 15.32 -9.06 13.82
S SO4 D . 33.23 -21.44 0.18
O1 SO4 D . 34.32 -20.46 0.22
O2 SO4 D . 33.54 -22.53 1.09
O3 SO4 D . 32.00 -20.81 0.60
O4 SO4 D . 33.09 -21.96 -1.18
S SO4 E . 6.61 -12.92 -12.42
O1 SO4 E . 7.48 -12.38 -11.39
O2 SO4 E . 7.30 -14.00 -13.14
O3 SO4 E . 6.24 -11.86 -13.36
O4 SO4 E . 5.39 -13.48 -11.84
S SO4 F . 27.80 -22.40 10.59
O1 SO4 F . 28.40 -23.35 9.67
O2 SO4 F . 27.90 -22.90 11.95
O3 SO4 F . 26.38 -22.21 10.33
O4 SO4 F . 28.52 -21.14 10.44
S SO4 G . 27.63 -27.58 -8.77
O1 SO4 G . 28.78 -26.92 -8.18
O2 SO4 G . 27.07 -28.49 -7.77
O3 SO4 G . 26.64 -26.59 -9.17
O4 SO4 G . 28.04 -28.35 -9.94
S SO4 H . 34.38 -13.83 -22.60
O1 SO4 H . 34.16 -15.13 -23.23
O2 SO4 H . 35.81 -13.63 -22.36
O3 SO4 H . 33.66 -13.76 -21.35
O4 SO4 H . 33.89 -12.77 -23.50
S SO4 I . -10.06 19.99 -7.17
O1 SO4 I . -8.93 19.83 -6.26
O2 SO4 I . -10.76 18.69 -7.27
O3 SO4 I . -10.92 21.03 -6.62
O4 SO4 I . -9.58 20.40 -8.49
S SO4 J . -33.74 20.49 -1.37
O1 SO4 J . -32.38 20.03 -1.64
O2 SO4 J . -33.78 21.02 -0.02
O3 SO4 J . -34.68 19.39 -1.54
O4 SO4 J . -34.08 21.56 -2.31
S SO4 K . -25.97 24.45 -9.31
O1 SO4 K . -25.70 24.88 -7.94
O2 SO4 K . -25.16 23.27 -9.62
O3 SO4 K . -25.68 25.51 -10.24
O4 SO4 K . -27.39 24.09 -9.43
S SO4 L . -18.49 -6.21 -1.37
O1 SO4 L . -18.25 -7.19 -0.31
O2 SO4 L . -17.72 -6.60 -2.56
O3 SO4 L . -18.04 -4.90 -0.89
O4 SO4 L . -19.92 -6.18 -1.69
#